data_7XAO
#
_entry.id   7XAO
#
_cell.length_a   31.240
_cell.length_b   31.270
_cell.length_c   215.780
_cell.angle_alpha   90.000
_cell.angle_beta   90.000
_cell.angle_gamma   90.000
#
_symmetry.space_group_name_H-M   'P 21 21 21'
#
loop_
_entity.id
_entity.type
_entity.pdbx_description
1 polymer Thioredoxin
2 water water
#
_entity_poly.entity_id   1
_entity_poly.type   'polypeptide(L)'
_entity_poly.pdbx_seq_one_letter_code
;SATIVNTTDDNFQADVLDAETPVLVDFWAGWCAPCKAIAPVLEDLSSEYAGKVKIVKVDVTSCEETAVKYNIRNIPALLL
FKNGEVVAQQIGAVPRSKLVSFIDENV
;
_entity_poly.pdbx_strand_id   A,B
#
# COMPACT_ATOMS: atom_id res chain seq x y z
N THR A 3 -6.28 -10.26 -21.45
CA THR A 3 -5.77 -8.92 -21.77
C THR A 3 -6.00 -7.93 -20.63
N ILE A 4 -5.01 -7.76 -19.76
CA ILE A 4 -5.07 -6.80 -18.66
C ILE A 4 -4.00 -5.74 -18.90
N VAL A 5 -4.44 -4.54 -19.30
CA VAL A 5 -3.50 -3.45 -19.55
C VAL A 5 -2.91 -2.95 -18.24
N ASN A 6 -1.59 -2.73 -18.22
CA ASN A 6 -0.95 -1.94 -17.18
C ASN A 6 -0.87 -0.51 -17.67
N THR A 7 -1.63 0.40 -17.05
CA THR A 7 -1.69 1.79 -17.48
C THR A 7 -0.66 2.63 -16.73
N THR A 8 -0.64 3.95 -17.00
CA THR A 8 0.28 4.90 -16.38
C THR A 8 -0.47 6.19 -16.11
N ASP A 9 0.16 7.10 -15.34
CA ASP A 9 -0.48 8.40 -15.13
C ASP A 9 -0.84 9.05 -16.47
N ASP A 10 0.07 8.96 -17.45
CA ASP A 10 -0.08 9.59 -18.77
C ASP A 10 -1.07 8.88 -19.69
N ASN A 11 -1.30 7.57 -19.50
CA ASN A 11 -2.19 6.78 -20.35
C ASN A 11 -3.56 6.49 -19.73
N PHE A 12 -3.79 6.92 -18.49
CA PHE A 12 -5.06 6.62 -17.82
C PHE A 12 -6.25 7.19 -18.58
N GLN A 13 -6.09 8.39 -19.15
CA GLN A 13 -7.19 8.96 -19.92
C GLN A 13 -7.56 8.03 -21.08
N ALA A 14 -6.57 7.59 -21.87
CA ALA A 14 -6.87 6.76 -23.04
C ALA A 14 -7.33 5.36 -22.65
N ASP A 15 -6.69 4.76 -21.65
CA ASP A 15 -6.96 3.36 -21.29
C ASP A 15 -8.22 3.20 -20.45
N VAL A 16 -8.57 4.19 -19.64
CA VAL A 16 -9.69 4.07 -18.70
C VAL A 16 -10.79 5.08 -19.01
N LEU A 17 -10.46 6.38 -18.98
CA LEU A 17 -11.51 7.39 -19.04
C LEU A 17 -12.20 7.45 -20.40
N ASP A 18 -11.49 7.10 -21.46
CA ASP A 18 -12.03 7.18 -22.82
C ASP A 18 -12.75 5.90 -23.24
N ALA A 19 -12.70 4.85 -22.43
CA ALA A 19 -13.35 3.58 -22.76
C ALA A 19 -14.87 3.69 -22.69
N GLU A 20 -15.55 2.93 -23.54
CA GLU A 20 -16.99 2.78 -23.44
C GLU A 20 -17.41 1.48 -22.77
N THR A 21 -16.62 0.42 -22.90
CA THR A 21 -16.80 -0.75 -22.05
C THR A 21 -16.51 -0.34 -20.60
N PRO A 22 -17.30 -0.81 -19.64
CA PRO A 22 -16.95 -0.54 -18.24
C PRO A 22 -15.55 -1.05 -17.92
N VAL A 23 -14.87 -0.36 -17.01
CA VAL A 23 -13.48 -0.65 -16.69
C VAL A 23 -13.32 -0.86 -15.18
N LEU A 24 -12.78 -2.01 -14.81
CA LEU A 24 -12.43 -2.31 -13.43
C LEU A 24 -10.94 -2.02 -13.28
N VAL A 25 -10.61 -1.05 -12.45
CA VAL A 25 -9.22 -0.61 -12.27
C VAL A 25 -8.68 -1.15 -10.95
N ASP A 26 -7.59 -1.91 -11.04
CA ASP A 26 -6.95 -2.56 -9.90
C ASP A 26 -5.70 -1.77 -9.49
N PHE A 27 -5.76 -1.09 -8.35
CA PHE A 27 -4.62 -0.38 -7.79
C PHE A 27 -3.86 -1.35 -6.87
N TRP A 28 -2.58 -1.58 -7.21
CA TRP A 28 -1.73 -2.57 -6.55
C TRP A 28 -0.32 -2.02 -6.38
N ALA A 29 0.51 -2.80 -5.67
CA ALA A 29 1.93 -2.50 -5.55
C ALA A 29 2.66 -3.81 -5.30
N GLY A 30 3.96 -3.83 -5.64
CA GLY A 30 4.73 -5.06 -5.52
C GLY A 30 4.94 -5.53 -4.10
N TRP A 31 4.95 -4.61 -3.14
CA TRP A 31 5.06 -4.89 -1.71
C TRP A 31 3.72 -5.25 -1.06
N CYS A 32 2.63 -5.18 -1.83
CA CYS A 32 1.29 -5.36 -1.27
C CYS A 32 0.88 -6.83 -1.43
N ALA A 33 0.93 -7.57 -0.33
CA ALA A 33 0.66 -9.00 -0.43
C ALA A 33 -0.79 -9.31 -0.82
N PRO A 34 -1.81 -8.70 -0.23
CA PRO A 34 -3.18 -9.03 -0.67
C PRO A 34 -3.45 -8.63 -2.10
N CYS A 35 -2.75 -7.61 -2.60
CA CYS A 35 -2.91 -7.19 -3.99
C CYS A 35 -2.40 -8.26 -4.92
N LYS A 36 -1.17 -8.71 -4.66
CA LYS A 36 -0.60 -9.80 -5.43
C LYS A 36 -1.47 -11.04 -5.34
N ALA A 37 -2.11 -11.27 -4.19
CA ALA A 37 -2.88 -12.49 -3.99
C ALA A 37 -4.17 -12.51 -4.81
N ILE A 38 -4.68 -11.36 -5.26
CA ILE A 38 -5.87 -11.34 -6.12
C ILE A 38 -5.52 -11.30 -7.60
N ALA A 39 -4.25 -11.31 -7.97
CA ALA A 39 -3.89 -11.42 -9.38
C ALA A 39 -4.52 -12.64 -10.06
N PRO A 40 -4.46 -13.85 -9.46
CA PRO A 40 -5.08 -15.01 -10.14
C PRO A 40 -6.56 -14.83 -10.44
N VAL A 41 -7.35 -14.36 -9.48
CA VAL A 41 -8.78 -14.18 -9.75
C VAL A 41 -9.03 -13.08 -10.79
N LEU A 42 -8.22 -12.02 -10.81
CA LEU A 42 -8.41 -10.99 -11.81
C LEU A 42 -8.10 -11.52 -13.21
N GLU A 43 -7.09 -12.38 -13.33
CA GLU A 43 -6.83 -13.03 -14.62
C GLU A 43 -8.05 -13.84 -15.07
N ASP A 44 -8.56 -14.72 -14.19
CA ASP A 44 -9.75 -15.49 -14.53
C ASP A 44 -10.90 -14.58 -14.91
N LEU A 45 -11.14 -13.54 -14.10
CA LEU A 45 -12.27 -12.66 -14.37
C LEU A 45 -12.08 -11.90 -15.67
N SER A 46 -10.84 -11.55 -16.03
CA SER A 46 -10.66 -10.82 -17.28
C SER A 46 -11.16 -11.66 -18.46
N SER A 47 -10.91 -12.97 -18.43
CA SER A 47 -11.41 -13.86 -19.48
C SER A 47 -12.90 -14.10 -19.38
N GLU A 48 -13.42 -14.34 -18.18
CA GLU A 48 -14.85 -14.60 -18.01
C GLU A 48 -15.70 -13.46 -18.55
N TYR A 49 -15.26 -12.21 -18.34
CA TYR A 49 -16.03 -11.04 -18.71
C TYR A 49 -15.51 -10.35 -19.97
N ALA A 50 -14.75 -11.06 -20.81
CA ALA A 50 -14.22 -10.46 -22.03
C ALA A 50 -15.35 -9.86 -22.86
N GLY A 51 -15.14 -8.62 -23.32
CA GLY A 51 -16.15 -7.90 -24.07
C GLY A 51 -17.19 -7.19 -23.22
N LYS A 52 -17.33 -7.56 -21.94
CA LYS A 52 -18.26 -6.88 -21.05
C LYS A 52 -17.58 -5.94 -20.07
N VAL A 53 -16.36 -6.28 -19.63
CA VAL A 53 -15.59 -5.52 -18.66
C VAL A 53 -14.13 -5.57 -19.09
N LYS A 54 -13.46 -4.42 -19.08
CA LYS A 54 -12.02 -4.35 -19.31
C LYS A 54 -11.37 -4.20 -17.94
N ILE A 55 -10.33 -4.99 -17.66
CA ILE A 55 -9.59 -4.85 -16.41
C ILE A 55 -8.26 -4.17 -16.70
N VAL A 56 -7.94 -3.16 -15.89
CA VAL A 56 -6.73 -2.34 -16.02
C VAL A 56 -6.03 -2.29 -14.67
N LYS A 57 -4.71 -2.41 -14.67
CA LYS A 57 -3.92 -2.33 -13.44
C LYS A 57 -3.16 -1.01 -13.34
N VAL A 58 -3.16 -0.46 -12.12
CA VAL A 58 -2.39 0.74 -11.78
C VAL A 58 -1.39 0.37 -10.69
N ASP A 59 -0.10 0.42 -11.03
CA ASP A 59 0.99 0.20 -10.06
C ASP A 59 1.21 1.51 -9.31
N VAL A 60 0.83 1.55 -8.02
CA VAL A 60 0.87 2.84 -7.32
C VAL A 60 2.28 3.36 -7.05
N THR A 61 3.30 2.52 -7.22
CA THR A 61 4.68 3.01 -7.10
C THR A 61 5.01 4.04 -8.17
N SER A 62 4.65 3.77 -9.43
CA SER A 62 4.89 4.71 -10.51
C SER A 62 3.68 5.57 -10.84
N CYS A 63 2.55 5.34 -10.17
CA CYS A 63 1.30 6.03 -10.49
C CYS A 63 0.71 6.70 -9.26
N GLU A 64 1.59 7.20 -8.38
CA GLU A 64 1.14 7.91 -7.19
C GLU A 64 0.15 9.02 -7.54
N GLU A 65 0.43 9.77 -8.63
CA GLU A 65 -0.46 10.86 -9.03
C GLU A 65 -1.87 10.35 -9.30
N THR A 66 -1.99 9.19 -9.96
CA THR A 66 -3.30 8.60 -10.21
C THR A 66 -3.96 8.13 -8.93
N ALA A 67 -3.20 7.50 -8.02
CA ALA A 67 -3.78 7.06 -6.75
C ALA A 67 -4.36 8.23 -5.98
N VAL A 68 -3.62 9.33 -5.91
CA VAL A 68 -4.10 10.52 -5.22
C VAL A 68 -5.33 11.08 -5.93
N LYS A 69 -5.27 11.15 -7.26
CA LYS A 69 -6.34 11.78 -8.03
C LYS A 69 -7.68 11.10 -7.76
N TYR A 70 -7.69 9.78 -7.58
CA TYR A 70 -8.92 9.04 -7.37
C TYR A 70 -9.19 8.71 -5.91
N ASN A 71 -8.48 9.41 -5.01
CA ASN A 71 -8.69 9.30 -3.56
C ASN A 71 -8.59 7.87 -3.08
N ILE A 72 -7.62 7.15 -3.65
CA ILE A 72 -7.24 5.87 -3.09
C ILE A 72 -6.66 6.14 -1.70
N ARG A 73 -7.20 5.45 -0.72
CA ARG A 73 -6.80 5.58 0.67
C ARG A 73 -6.15 4.29 1.20
N ASN A 74 -6.44 3.15 0.58
CA ASN A 74 -5.98 1.83 0.99
C ASN A 74 -5.99 0.96 -0.24
N ILE A 75 -5.03 0.04 -0.34
CA ILE A 75 -5.03 -1.00 -1.38
C ILE A 75 -5.04 -2.37 -0.70
N PRO A 76 -5.58 -3.43 -1.36
CA PRO A 76 -6.18 -3.42 -2.70
C PRO A 76 -7.37 -2.47 -2.84
N ALA A 77 -7.45 -1.77 -3.98
CA ALA A 77 -8.58 -0.92 -4.31
C ALA A 77 -9.00 -1.23 -5.73
N LEU A 78 -10.29 -1.51 -5.92
CA LEU A 78 -10.85 -1.82 -7.23
C LEU A 78 -11.94 -0.79 -7.50
N LEU A 79 -11.73 0.05 -8.51
CA LEU A 79 -12.71 1.07 -8.87
C LEU A 79 -13.34 0.74 -10.21
N LEU A 80 -14.67 0.74 -10.26
CA LEU A 80 -15.38 0.51 -11.50
C LEU A 80 -15.67 1.85 -12.15
N PHE A 81 -15.20 2.03 -13.38
CA PHE A 81 -15.45 3.23 -14.16
C PHE A 81 -16.46 2.94 -15.28
N LYS A 82 -17.39 3.86 -15.50
CA LYS A 82 -18.27 3.84 -16.66
C LYS A 82 -18.27 5.22 -17.29
N ASN A 83 -17.91 5.30 -18.58
CA ASN A 83 -17.87 6.58 -19.31
C ASN A 83 -17.01 7.62 -18.61
N GLY A 84 -15.94 7.19 -17.95
CA GLY A 84 -14.98 8.08 -17.33
C GLY A 84 -15.30 8.55 -15.93
N GLU A 85 -16.36 8.05 -15.30
CA GLU A 85 -16.69 8.38 -13.92
C GLU A 85 -16.69 7.12 -13.07
N VAL A 86 -16.28 7.29 -11.81
CA VAL A 86 -16.29 6.17 -10.87
C VAL A 86 -17.72 5.93 -10.41
N VAL A 87 -18.20 4.70 -10.56
CA VAL A 87 -19.58 4.36 -10.22
C VAL A 87 -19.69 3.46 -8.99
N ALA A 88 -18.64 2.71 -8.65
CA ALA A 88 -18.63 1.83 -7.50
C ALA A 88 -17.18 1.50 -7.18
N GLN A 89 -16.95 1.00 -5.97
CA GLN A 89 -15.61 0.61 -5.59
C GLN A 89 -15.65 -0.49 -4.55
N GLN A 90 -14.59 -1.31 -4.56
CA GLN A 90 -14.41 -2.38 -3.58
C GLN A 90 -13.01 -2.19 -2.99
N ILE A 91 -12.95 -1.79 -1.73
CA ILE A 91 -11.69 -1.49 -1.06
C ILE A 91 -11.34 -2.65 -0.13
N GLY A 92 -10.11 -3.11 -0.23
CA GLY A 92 -9.73 -4.30 0.49
C GLY A 92 -10.05 -5.53 -0.35
N ALA A 93 -9.23 -6.55 -0.20
CA ALA A 93 -9.44 -7.80 -0.91
C ALA A 93 -10.69 -8.50 -0.39
N VAL A 94 -11.40 -9.16 -1.30
CA VAL A 94 -12.58 -9.96 -0.99
C VAL A 94 -12.56 -11.20 -1.87
N PRO A 95 -13.29 -12.23 -1.48
CA PRO A 95 -13.31 -13.47 -2.27
C PRO A 95 -13.88 -13.29 -3.67
N ARG A 96 -13.55 -14.25 -4.53
CA ARG A 96 -14.06 -14.28 -5.91
C ARG A 96 -15.57 -14.04 -5.96
N SER A 97 -16.33 -14.71 -5.08
CA SER A 97 -17.79 -14.60 -5.13
C SER A 97 -18.25 -13.16 -4.93
N LYS A 98 -17.57 -12.41 -4.05
CA LYS A 98 -17.93 -11.00 -3.87
C LYS A 98 -17.48 -10.14 -5.04
N LEU A 99 -16.35 -10.50 -5.66
CA LEU A 99 -15.95 -9.81 -6.88
C LEU A 99 -16.97 -10.03 -8.00
N VAL A 100 -17.44 -11.27 -8.16
CA VAL A 100 -18.43 -11.56 -9.19
C VAL A 100 -19.72 -10.79 -8.92
N SER A 101 -20.14 -10.73 -7.66
CA SER A 101 -21.34 -9.98 -7.32
C SER A 101 -21.14 -8.49 -7.50
N PHE A 102 -19.94 -7.98 -7.23
CA PHE A 102 -19.66 -6.56 -7.40
C PHE A 102 -19.75 -6.16 -8.87
N ILE A 103 -19.22 -7.01 -9.76
CA ILE A 103 -19.26 -6.71 -11.19
C ILE A 103 -20.69 -6.79 -11.71
N ASP A 104 -21.43 -7.83 -11.31
CA ASP A 104 -22.74 -8.08 -11.90
C ASP A 104 -23.75 -7.00 -11.53
N GLU A 105 -23.68 -6.45 -10.32
CA GLU A 105 -24.63 -5.41 -9.93
C GLU A 105 -24.35 -4.09 -10.61
N ASN A 106 -23.11 -3.85 -11.05
CA ASN A 106 -22.71 -2.56 -11.55
C ASN A 106 -22.37 -2.55 -13.04
N VAL A 107 -22.74 -3.59 -13.77
CA VAL A 107 -22.52 -3.67 -15.23
C VAL A 107 -22.97 -2.41 -15.95
N THR B 3 12.43 14.43 15.13
CA THR B 3 13.63 13.59 15.15
C THR B 3 13.40 12.25 14.45
N ILE B 4 12.45 12.20 13.51
CA ILE B 4 12.19 11.02 12.72
C ILE B 4 12.92 11.17 11.39
N VAL B 5 13.85 10.25 11.12
CA VAL B 5 14.68 10.31 9.92
C VAL B 5 13.89 9.72 8.75
N ASN B 6 13.91 10.42 7.62
CA ASN B 6 13.41 9.91 6.35
C ASN B 6 14.58 9.31 5.59
N THR B 7 14.57 8.00 5.42
CA THR B 7 15.67 7.30 4.78
C THR B 7 15.38 7.07 3.30
N THR B 8 16.29 6.39 2.61
CA THR B 8 16.16 6.03 1.20
C THR B 8 16.62 4.60 1.03
N ASP B 9 16.45 4.05 -0.19
CA ASP B 9 16.95 2.70 -0.46
C ASP B 9 18.42 2.58 -0.08
N ASP B 10 19.22 3.58 -0.45
CA ASP B 10 20.66 3.48 -0.28
C ASP B 10 21.15 4.04 1.05
N ASN B 11 20.34 4.83 1.76
CA ASN B 11 20.70 5.24 3.11
C ASN B 11 20.20 4.28 4.17
N PHE B 12 19.45 3.26 3.78
CA PHE B 12 18.76 2.39 4.73
C PHE B 12 19.75 1.66 5.64
N GLN B 13 20.86 1.19 5.07
CA GLN B 13 21.84 0.50 5.91
C GLN B 13 22.41 1.43 6.99
N ALA B 14 22.82 2.64 6.61
CA ALA B 14 23.39 3.56 7.61
C ALA B 14 22.33 4.03 8.61
N ASP B 15 21.11 4.31 8.16
CA ASP B 15 20.11 4.86 9.06
C ASP B 15 19.44 3.82 9.93
N VAL B 16 19.42 2.57 9.50
CA VAL B 16 18.64 1.54 10.18
C VAL B 16 19.53 0.36 10.50
N LEU B 17 20.13 -0.24 9.47
CA LEU B 17 20.81 -1.51 9.68
C LEU B 17 22.06 -1.39 10.55
N ASP B 18 22.76 -0.26 10.48
CA ASP B 18 24.01 -0.07 11.19
C ASP B 18 23.83 0.44 12.62
N ALA B 19 22.60 0.74 13.03
CA ALA B 19 22.37 1.30 14.36
C ALA B 19 22.45 0.23 15.45
N GLU B 20 22.90 0.63 16.64
CA GLU B 20 22.85 -0.24 17.80
C GLU B 20 21.62 0.00 18.68
N THR B 21 21.09 1.22 18.67
CA THR B 21 19.77 1.48 19.23
C THR B 21 18.73 0.71 18.39
N PRO B 22 17.71 0.14 19.02
CA PRO B 22 16.61 -0.46 18.24
C PRO B 22 15.96 0.61 17.36
N VAL B 23 15.53 0.20 16.16
CA VAL B 23 14.98 1.12 15.17
C VAL B 23 13.59 0.63 14.78
N LEU B 24 12.60 1.49 14.97
CA LEU B 24 11.24 1.25 14.49
C LEU B 24 11.09 1.95 13.14
N VAL B 25 10.89 1.16 12.09
CA VAL B 25 10.76 1.68 10.73
C VAL B 25 9.29 1.71 10.34
N ASP B 26 8.81 2.88 9.92
CA ASP B 26 7.45 3.07 9.44
C ASP B 26 7.47 3.19 7.92
N PHE B 27 6.93 2.17 7.23
CA PHE B 27 6.73 2.17 5.78
C PHE B 27 5.38 2.82 5.48
N TRP B 28 5.41 3.92 4.70
CA TRP B 28 4.23 4.76 4.50
C TRP B 28 4.18 5.24 3.05
N ALA B 29 3.05 5.87 2.68
CA ALA B 29 2.91 6.55 1.40
C ALA B 29 1.96 7.74 1.56
N GLY B 30 2.14 8.74 0.70
CA GLY B 30 1.33 9.95 0.84
C GLY B 30 -0.16 9.74 0.64
N TRP B 31 -0.55 8.83 -0.26
CA TRP B 31 -1.97 8.56 -0.46
C TRP B 31 -2.58 7.71 0.63
N CYS B 32 -1.77 7.10 1.49
CA CYS B 32 -2.27 6.08 2.41
C CYS B 32 -2.89 6.72 3.64
N ALA B 33 -4.16 6.43 3.85
CA ALA B 33 -4.91 7.05 4.93
C ALA B 33 -4.50 6.56 6.31
N PRO B 34 -4.39 5.26 6.59
CA PRO B 34 -3.97 4.84 7.95
C PRO B 34 -2.58 5.33 8.28
N CYS B 35 -1.74 5.54 7.28
CA CYS B 35 -0.43 6.13 7.53
C CYS B 35 -0.58 7.50 8.16
N LYS B 36 -1.59 8.27 7.72
CA LYS B 36 -1.94 9.51 8.40
C LYS B 36 -2.53 9.24 9.78
N ALA B 37 -3.32 8.18 9.91
CA ALA B 37 -3.91 7.84 11.20
C ALA B 37 -2.86 7.74 12.30
N ILE B 38 -1.66 7.24 11.97
CA ILE B 38 -0.68 6.93 13.01
C ILE B 38 0.45 7.94 13.10
N ALA B 39 0.54 8.87 12.15
CA ALA B 39 1.62 9.86 12.20
C ALA B 39 1.70 10.61 13.53
N PRO B 40 0.60 11.15 14.10
CA PRO B 40 0.75 11.86 15.39
C PRO B 40 1.32 11.02 16.52
N VAL B 41 0.82 9.80 16.71
CA VAL B 41 1.33 8.98 17.80
C VAL B 41 2.81 8.64 17.60
N LEU B 42 3.23 8.45 16.35
CA LEU B 42 4.64 8.19 16.08
C LEU B 42 5.51 9.36 16.50
N GLU B 43 5.06 10.59 16.24
CA GLU B 43 5.81 11.75 16.71
C GLU B 43 5.89 11.79 18.22
N ASP B 44 4.80 11.47 18.91
CA ASP B 44 4.85 11.47 20.37
C ASP B 44 5.79 10.37 20.86
N LEU B 45 5.75 9.20 20.22
CA LEU B 45 6.57 8.08 20.68
C LEU B 45 8.06 8.29 20.41
N SER B 46 8.40 8.96 19.30
CA SER B 46 9.80 9.31 19.04
C SER B 46 10.41 10.11 20.17
N SER B 47 9.62 10.97 20.83
CA SER B 47 10.14 11.72 21.97
C SER B 47 10.08 10.91 23.26
N GLU B 48 8.96 10.23 23.52
CA GLU B 48 8.84 9.41 24.72
C GLU B 48 9.97 8.40 24.84
N TYR B 49 10.44 7.87 23.72
CA TYR B 49 11.48 6.85 23.71
C TYR B 49 12.82 7.36 23.21
N ALA B 50 13.06 8.66 23.27
CA ALA B 50 14.34 9.22 22.81
C ALA B 50 15.49 8.53 23.53
N GLY B 51 16.53 8.19 22.76
CA GLY B 51 17.66 7.45 23.28
C GLY B 51 17.43 5.96 23.47
N LYS B 52 16.19 5.50 23.40
CA LYS B 52 15.87 4.09 23.59
C LYS B 52 15.42 3.39 22.32
N VAL B 53 14.66 4.08 21.47
CA VAL B 53 14.23 3.56 20.18
C VAL B 53 14.28 4.71 19.19
N LYS B 54 14.90 4.49 18.04
CA LYS B 54 14.94 5.47 16.96
C LYS B 54 13.82 5.13 15.98
N ILE B 55 13.12 6.16 15.50
CA ILE B 55 12.05 5.98 14.52
C ILE B 55 12.50 6.55 13.18
N VAL B 56 12.32 5.77 12.11
CA VAL B 56 12.73 6.13 10.76
C VAL B 56 11.56 5.87 9.82
N LYS B 57 11.41 6.71 8.80
CA LYS B 57 10.33 6.57 7.84
C LYS B 57 10.86 6.19 6.46
N VAL B 58 10.11 5.32 5.78
CA VAL B 58 10.43 4.87 4.43
C VAL B 58 9.20 5.19 3.58
N ASP B 59 9.35 6.14 2.65
CA ASP B 59 8.31 6.44 1.66
C ASP B 59 8.37 5.38 0.58
N VAL B 60 7.39 4.48 0.55
CA VAL B 60 7.48 3.35 -0.38
C VAL B 60 7.38 3.77 -1.83
N THR B 61 6.80 4.94 -2.11
CA THR B 61 6.76 5.42 -3.49
C THR B 61 8.16 5.51 -4.10
N SER B 62 9.14 6.01 -3.33
CA SER B 62 10.51 6.15 -3.83
C SER B 62 11.46 5.07 -3.32
N CYS B 63 10.94 4.14 -2.52
CA CYS B 63 11.74 3.12 -1.87
C CYS B 63 11.10 1.76 -2.05
N GLU B 64 10.61 1.51 -3.27
CA GLU B 64 9.99 0.23 -3.56
C GLU B 64 10.92 -0.94 -3.30
N GLU B 65 12.22 -0.77 -3.63
CA GLU B 65 13.17 -1.85 -3.43
C GLU B 65 13.25 -2.28 -1.97
N THR B 66 13.28 -1.32 -1.04
CA THR B 66 13.34 -1.64 0.39
C THR B 66 12.04 -2.30 0.88
N ALA B 67 10.89 -1.75 0.47
CA ALA B 67 9.60 -2.32 0.86
C ALA B 67 9.48 -3.76 0.41
N VAL B 68 9.89 -4.06 -0.83
CA VAL B 68 9.82 -5.42 -1.33
C VAL B 68 10.82 -6.32 -0.60
N LYS B 69 12.03 -5.80 -0.36
CA LYS B 69 13.07 -6.60 0.30
C LYS B 69 12.62 -7.10 1.67
N TYR B 70 11.86 -6.29 2.40
CA TYR B 70 11.48 -6.66 3.77
C TYR B 70 10.07 -7.26 3.87
N ASN B 71 9.41 -7.55 2.75
CA ASN B 71 8.14 -8.28 2.75
C ASN B 71 7.14 -7.64 3.72
N ILE B 72 6.90 -6.33 3.51
CA ILE B 72 6.15 -5.55 4.48
C ILE B 72 4.65 -5.84 4.48
N ARG B 73 4.13 -6.54 3.46
CA ARG B 73 2.73 -6.97 3.36
C ARG B 73 1.74 -5.88 2.95
N ASN B 74 1.71 -4.75 3.66
CA ASN B 74 0.89 -3.60 3.33
C ASN B 74 1.41 -2.43 4.15
N ILE B 75 0.84 -1.25 3.91
CA ILE B 75 1.22 -0.05 4.66
C ILE B 75 0.01 0.42 5.46
N PRO B 76 0.21 1.06 6.63
CA PRO B 76 1.55 1.26 7.21
C PRO B 76 2.09 -0.05 7.77
N ALA B 77 3.40 -0.24 7.63
CA ALA B 77 4.11 -1.37 8.20
C ALA B 77 5.14 -0.82 9.17
N LEU B 78 5.10 -1.29 10.41
CA LEU B 78 6.05 -0.90 11.45
C LEU B 78 6.94 -2.10 11.74
N LEU B 79 8.22 -1.98 11.39
CA LEU B 79 9.17 -3.07 11.53
C LEU B 79 10.23 -2.65 12.54
N LEU B 80 10.44 -3.49 13.55
CA LEU B 80 11.42 -3.20 14.59
C LEU B 80 12.71 -3.93 14.26
N PHE B 81 13.80 -3.16 14.14
CA PHE B 81 15.12 -3.68 13.81
C PHE B 81 16.04 -3.58 15.01
N LYS B 82 16.85 -4.61 15.21
CA LYS B 82 17.91 -4.62 16.22
C LYS B 82 19.15 -5.25 15.59
N ASN B 83 20.24 -4.50 15.53
CA ASN B 83 21.49 -5.01 14.95
C ASN B 83 21.30 -5.48 13.51
N GLY B 84 20.49 -4.76 12.75
CA GLY B 84 20.31 -5.03 11.34
C GLY B 84 19.37 -6.17 10.99
N GLU B 85 18.63 -6.70 11.95
CA GLU B 85 17.67 -7.76 11.68
C GLU B 85 16.30 -7.40 12.21
N VAL B 86 15.26 -7.85 11.51
CA VAL B 86 13.89 -7.62 11.96
C VAL B 86 13.58 -8.59 13.10
N VAL B 87 13.19 -8.04 14.24
CA VAL B 87 12.86 -8.85 15.41
C VAL B 87 11.37 -8.94 15.68
N ALA B 88 10.56 -8.04 15.13
CA ALA B 88 9.12 -8.04 15.34
C ALA B 88 8.51 -7.06 14.35
N GLN B 89 7.21 -7.15 14.17
CA GLN B 89 6.57 -6.27 13.19
C GLN B 89 5.09 -6.12 13.52
N GLN B 90 4.56 -4.95 13.16
CA GLN B 90 3.13 -4.65 13.26
C GLN B 90 2.66 -4.14 11.92
N ILE B 91 1.80 -4.90 11.25
CA ILE B 91 1.32 -4.56 9.91
C ILE B 91 -0.08 -3.96 10.02
N GLY B 92 -0.24 -2.72 9.60
CA GLY B 92 -1.49 -2.03 9.76
C GLY B 92 -1.48 -1.08 10.95
N ALA B 93 -2.37 -0.10 10.91
CA ALA B 93 -2.50 0.84 12.01
C ALA B 93 -3.08 0.13 13.22
N VAL B 94 -2.59 0.51 14.39
CA VAL B 94 -3.14 0.05 15.66
C VAL B 94 -3.06 1.19 16.67
N PRO B 95 -3.86 1.13 17.72
CA PRO B 95 -3.89 2.24 18.69
C PRO B 95 -2.58 2.42 19.45
N ARG B 96 -2.42 3.63 20.00
CA ARG B 96 -1.27 3.96 20.84
C ARG B 96 -0.96 2.86 21.85
N SER B 97 -2.00 2.36 22.53
CA SER B 97 -1.75 1.38 23.60
C SER B 97 -1.12 0.11 23.05
N LYS B 98 -1.50 -0.31 21.85
CA LYS B 98 -0.88 -1.49 21.27
C LYS B 98 0.53 -1.20 20.76
N LEU B 99 0.79 0.04 20.32
CA LEU B 99 2.12 0.41 19.88
C LEU B 99 3.09 0.47 21.05
N VAL B 100 2.61 0.98 22.19
CA VAL B 100 3.44 0.99 23.40
C VAL B 100 3.77 -0.43 23.80
N SER B 101 2.76 -1.30 23.90
CA SER B 101 3.00 -2.69 24.26
C SER B 101 3.90 -3.38 23.25
N PHE B 102 3.78 -3.04 21.97
CA PHE B 102 4.65 -3.61 20.95
C PHE B 102 6.09 -3.17 21.16
N ILE B 103 6.31 -1.87 21.40
CA ILE B 103 7.65 -1.37 21.64
C ILE B 103 8.25 -2.03 22.89
N ASP B 104 7.52 -1.98 24.01
CA ASP B 104 8.07 -2.44 25.28
C ASP B 104 8.32 -3.94 25.29
N GLU B 105 7.45 -4.73 24.66
CA GLU B 105 7.61 -6.19 24.66
C GLU B 105 8.88 -6.60 23.94
N ASN B 106 9.26 -5.89 22.88
CA ASN B 106 10.43 -6.24 22.10
C ASN B 106 11.63 -5.33 22.38
N VAL B 107 11.49 -4.37 23.28
CA VAL B 107 12.60 -3.50 23.66
C VAL B 107 12.68 -3.37 25.17
#